data_8C24
#
_entry.id   8C24
#
_cell.length_a   44.560
_cell.length_b   125.450
_cell.length_c   52.260
_cell.angle_alpha   90.000
_cell.angle_beta   109.230
_cell.angle_gamma   90.000
#
_symmetry.space_group_name_H-M   'P 1 21 1'
#
loop_
_entity.id
_entity.type
_entity.pdbx_description
1 polymer 'Toxin ParE1'
2 polymer 'Antitoxin ParD1'
3 water water
#
loop_
_entity_poly.entity_id
_entity_poly.type
_entity_poly.pdbx_seq_one_letter_code
_entity_poly.pdbx_strand_id
1 'polypeptide(L)'
;MSSRYLLSPAAQAHLEEIWDCTYDRWGVDQAEQYLRELQHAIDRAAANPRIGRACDEIRPGYRKLSAGSHTLFYRVTGEG
TIDVVRVLHQRMDVDRNL
;
A,B
2 'polypeptide(L)'
;MGKNTSFVLDEHYSAFIDGEIAAGRYRSASEVIRSALRLLEDRETQLRALREALEAGERSGSSTPFDFDGFLGRKRADAS
RGR
;
C,D,E,F
#
# COMPACT_ATOMS: atom_id res chain seq x y z
N SER A 2 29.27 4.19 1.66
CA SER A 2 28.34 4.51 0.59
C SER A 2 28.81 5.76 -0.18
N SER A 3 28.27 5.93 -1.39
CA SER A 3 28.78 6.95 -2.28
C SER A 3 27.87 8.19 -2.25
N ARG A 4 27.94 9.00 -3.29
CA ARG A 4 27.31 10.30 -3.29
C ARG A 4 25.83 10.20 -3.57
N TYR A 5 25.09 11.19 -3.09
CA TYR A 5 23.70 11.37 -3.46
C TYR A 5 23.34 12.83 -3.31
N LEU A 6 22.38 13.27 -4.11
CA LEU A 6 21.81 14.60 -4.05
C LEU A 6 20.35 14.49 -3.61
N LEU A 7 19.90 15.46 -2.80
CA LEU A 7 18.49 15.57 -2.44
C LEU A 7 17.97 16.90 -2.94
N SER A 8 16.80 16.88 -3.57
CA SER A 8 16.15 18.10 -4.00
C SER A 8 15.80 18.95 -2.77
N PRO A 9 15.59 20.25 -2.96
CA PRO A 9 15.09 21.07 -1.84
C PRO A 9 13.78 20.59 -1.25
N ALA A 10 12.79 20.21 -2.08
CA ALA A 10 11.56 19.63 -1.56
C ALA A 10 11.86 18.39 -0.69
N ALA A 11 12.72 17.50 -1.18
CA ALA A 11 13.07 16.30 -0.39
C ALA A 11 13.72 16.66 0.94
N GLN A 12 14.59 17.69 0.95
CA GLN A 12 15.20 18.11 2.21
C GLN A 12 14.17 18.71 3.16
N ALA A 13 13.30 19.59 2.64
CA ALA A 13 12.26 20.16 3.49
C ALA A 13 11.39 19.07 4.09
N HIS A 14 11.08 18.03 3.31
CA HIS A 14 10.18 16.99 3.81
C HIS A 14 10.86 16.18 4.91
N LEU A 15 12.15 15.90 4.76
CA LEU A 15 12.87 15.19 5.83
C LEU A 15 12.73 15.93 7.15
N GLU A 16 12.86 17.26 7.12
CA GLU A 16 12.70 18.03 8.34
C GLU A 16 11.29 17.91 8.90
N GLU A 17 10.27 18.01 8.03
CA GLU A 17 8.89 17.85 8.47
C GLU A 17 8.65 16.47 9.09
N ILE A 18 9.15 15.42 8.46
CA ILE A 18 8.99 14.08 9.01
C ILE A 18 9.62 14.01 10.40
N TRP A 19 10.80 14.64 10.56
CA TRP A 19 11.43 14.70 11.87
C TRP A 19 10.55 15.42 12.87
N ASP A 20 10.08 16.63 12.51
CA ASP A 20 9.26 17.43 13.43
C ASP A 20 8.00 16.69 13.84
N CYS A 21 7.30 16.06 12.88
CA CYS A 21 6.06 15.37 13.22
C CYS A 21 6.32 14.11 14.03
N THR A 22 7.34 13.33 13.68
CA THR A 22 7.74 12.22 14.53
C THR A 22 8.13 12.71 15.92
N TYR A 23 8.94 13.78 15.98
CA TYR A 23 9.33 14.33 17.27
C TYR A 23 8.12 14.69 18.13
N ASP A 24 7.16 15.42 17.55
CA ASP A 24 6.03 15.94 18.33
C ASP A 24 5.18 14.82 18.90
N ARG A 25 5.14 13.67 18.23
CA ARG A 25 4.30 12.58 18.69
C ARG A 25 5.03 11.60 19.60
N TRP A 26 6.32 11.33 19.34
CA TRP A 26 7.05 10.25 20.01
C TRP A 26 8.37 10.64 20.65
N GLY A 27 8.86 11.86 20.48
CA GLY A 27 10.08 12.27 21.16
C GLY A 27 11.33 12.22 20.28
N VAL A 28 12.41 12.78 20.81
CA VAL A 28 13.59 13.01 19.99
C VAL A 28 14.18 11.70 19.50
N ASP A 29 14.26 10.69 20.38
CA ASP A 29 14.88 9.42 20.02
C ASP A 29 14.15 8.75 18.85
N GLN A 30 12.82 8.74 18.90
CA GLN A 30 12.07 8.11 17.82
C GLN A 30 12.24 8.89 16.52
N ALA A 31 12.21 10.22 16.61
CA ALA A 31 12.40 11.05 15.41
C ALA A 31 13.73 10.74 14.76
N GLU A 32 14.78 10.66 15.55
CA GLU A 32 16.12 10.41 15.02
C GLU A 32 16.21 9.01 14.43
N GLN A 33 15.71 8.01 15.17
CA GLN A 33 15.71 6.63 14.70
C GLN A 33 15.02 6.51 13.35
N TYR A 34 13.84 7.13 13.19
CA TYR A 34 13.13 6.98 11.93
C TYR A 34 13.91 7.63 10.79
N LEU A 35 14.49 8.80 11.05
CA LEU A 35 15.26 9.48 9.98
C LEU A 35 16.47 8.61 9.62
N ARG A 36 17.05 7.93 10.62
CA ARG A 36 18.21 7.04 10.38
C ARG A 36 17.74 5.90 9.50
N GLU A 37 16.51 5.43 9.71
CA GLU A 37 15.96 4.35 8.89
C GLU A 37 15.81 4.78 7.44
N LEU A 38 15.34 6.02 7.21
CA LEU A 38 15.28 6.54 5.84
C LEU A 38 16.67 6.72 5.25
N GLN A 39 17.63 7.17 6.09
CA GLN A 39 19.00 7.34 5.61
C GLN A 39 19.59 6.01 5.10
N HIS A 40 19.27 4.90 5.78
CA HIS A 40 19.74 3.58 5.36
C HIS A 40 19.29 3.25 3.95
N ALA A 41 18.02 3.51 3.63
CA ALA A 41 17.55 3.22 2.29
C ALA A 41 18.19 4.15 1.27
N ILE A 42 18.37 5.43 1.64
CA ILE A 42 19.05 6.34 0.71
C ILE A 42 20.47 5.85 0.45
N ASP A 43 21.18 5.43 1.52
CA ASP A 43 22.54 4.93 1.35
C ASP A 43 22.57 3.67 0.48
N ARG A 44 21.60 2.78 0.65
CA ARG A 44 21.55 1.56 -0.15
C ARG A 44 21.38 1.91 -1.62
N ALA A 45 20.43 2.79 -1.93
CA ALA A 45 20.22 3.19 -3.32
C ALA A 45 21.45 3.95 -3.85
N ALA A 46 22.07 4.78 -3.03
CA ALA A 46 23.22 5.52 -3.51
C ALA A 46 24.37 4.59 -3.87
N ALA A 47 24.52 3.48 -3.14
CA ALA A 47 25.61 2.54 -3.40
C ALA A 47 25.34 1.68 -4.62
N ASN A 48 24.08 1.32 -4.87
CA ASN A 48 23.70 0.66 -6.13
C ASN A 48 22.37 1.21 -6.62
N PRO A 49 22.38 2.20 -7.51
CA PRO A 49 21.13 2.82 -7.96
C PRO A 49 20.14 1.85 -8.60
N ARG A 50 20.58 0.67 -8.99
CA ARG A 50 19.71 -0.27 -9.66
C ARG A 50 18.84 -1.08 -8.71
N ILE A 51 19.03 -0.93 -7.38
CA ILE A 51 18.20 -1.69 -6.44
C ILE A 51 16.77 -1.16 -6.42
N GLY A 52 16.60 0.12 -6.72
CA GLY A 52 15.27 0.67 -6.88
C GLY A 52 14.72 0.31 -8.26
N ARG A 53 13.43 0.00 -8.29
CA ARG A 53 12.83 -0.51 -9.52
C ARG A 53 12.46 0.65 -10.43
N ALA A 54 12.82 0.54 -11.71
CA ALA A 54 12.51 1.60 -12.64
C ALA A 54 11.01 1.80 -12.71
N CYS A 55 10.58 3.04 -12.95
CA CYS A 55 9.16 3.31 -13.07
C CYS A 55 8.93 4.37 -14.13
N ASP A 56 9.47 4.12 -15.32
CA ASP A 56 9.33 5.04 -16.44
C ASP A 56 7.86 5.26 -16.79
N GLU A 57 7.05 4.21 -16.65
CA GLU A 57 5.61 4.31 -16.82
C GLU A 57 5.02 5.43 -15.97
N ILE A 58 5.67 5.75 -14.85
CA ILE A 58 5.29 6.90 -14.04
C ILE A 58 5.99 8.16 -14.54
N ARG A 59 7.30 8.13 -14.68
CA ARG A 59 8.02 9.27 -15.21
C ARG A 59 9.32 8.76 -15.78
N PRO A 60 9.67 9.17 -17.00
CA PRO A 60 10.89 8.66 -17.63
C PRO A 60 12.12 8.98 -16.80
N GLY A 61 12.96 7.97 -16.60
CA GLY A 61 14.21 8.15 -15.88
C GLY A 61 14.12 8.03 -14.37
N TYR A 62 12.97 7.64 -13.83
CA TYR A 62 12.81 7.53 -12.39
C TYR A 62 12.91 6.07 -11.93
N ARG A 63 13.30 5.91 -10.66
CA ARG A 63 13.25 4.65 -9.95
C ARG A 63 12.65 4.93 -8.59
N LYS A 64 12.05 3.91 -7.98
CA LYS A 64 11.48 4.06 -6.66
C LYS A 64 11.96 2.95 -5.74
N LEU A 65 12.01 3.27 -4.46
CA LEU A 65 12.47 2.33 -3.44
C LEU A 65 11.69 2.60 -2.17
N SER A 66 10.93 1.62 -1.69
CA SER A 66 10.17 1.81 -0.46
C SER A 66 11.10 1.91 0.73
N ALA A 67 10.70 2.69 1.74
CA ALA A 67 11.53 2.90 2.92
C ALA A 67 10.68 3.35 4.10
N GLY A 68 10.63 2.54 5.16
CA GLY A 68 9.77 2.88 6.29
C GLY A 68 8.35 3.01 5.78
N SER A 69 7.70 4.13 6.11
CA SER A 69 6.37 4.46 5.62
C SER A 69 6.39 5.28 4.33
N HIS A 70 7.55 5.47 3.71
CA HIS A 70 7.75 6.39 2.60
C HIS A 70 8.34 5.62 1.43
N THR A 71 8.54 6.35 0.33
CA THR A 71 9.07 5.81 -0.92
C THR A 71 10.00 6.86 -1.48
N LEU A 72 11.22 6.44 -1.83
CA LEU A 72 12.16 7.33 -2.50
C LEU A 72 11.88 7.27 -3.99
N PHE A 73 11.76 8.45 -4.61
CA PHE A 73 11.69 8.55 -6.06
C PHE A 73 12.91 9.33 -6.51
N TYR A 74 13.71 8.74 -7.39
CA TYR A 74 14.98 9.35 -7.69
C TYR A 74 15.36 9.13 -9.15
N ARG A 75 16.19 10.04 -9.65
CA ARG A 75 16.83 9.96 -10.95
C ARG A 75 18.29 9.64 -10.74
N VAL A 76 18.96 9.23 -11.82
CA VAL A 76 20.38 8.91 -11.81
C VAL A 76 21.12 9.94 -12.66
N THR A 77 22.14 10.54 -12.07
CA THR A 77 22.97 11.56 -12.71
C THR A 77 23.80 10.92 -13.84
N GLY A 78 24.31 11.76 -14.74
CA GLY A 78 25.25 11.28 -15.73
C GLY A 78 26.50 10.66 -15.11
N GLU A 79 26.94 11.19 -13.97
CA GLU A 79 28.04 10.61 -13.19
C GLU A 79 27.69 9.28 -12.55
N GLY A 80 26.43 8.86 -12.57
CA GLY A 80 26.00 7.68 -11.85
C GLY A 80 25.57 7.92 -10.42
N THR A 81 25.42 9.19 -10.02
CA THR A 81 24.91 9.57 -8.72
C THR A 81 23.38 9.54 -8.72
N ILE A 82 22.77 9.12 -7.59
CA ILE A 82 21.32 9.23 -7.48
C ILE A 82 20.96 10.66 -7.09
N ASP A 83 19.81 11.11 -7.57
CA ASP A 83 19.23 12.40 -7.27
C ASP A 83 17.84 12.13 -6.70
N VAL A 84 17.68 12.28 -5.39
CA VAL A 84 16.40 11.96 -4.76
C VAL A 84 15.49 13.17 -4.90
N VAL A 85 14.45 13.04 -5.72
CA VAL A 85 13.59 14.18 -6.04
C VAL A 85 12.48 14.34 -5.01
N ARG A 86 11.84 13.24 -4.63
CA ARG A 86 10.82 13.30 -3.60
C ARG A 86 10.96 12.11 -2.66
N VAL A 87 10.57 12.34 -1.43
CA VAL A 87 10.37 11.29 -0.43
C VAL A 87 8.89 11.35 -0.11
N LEU A 88 8.11 10.41 -0.65
CA LEU A 88 6.65 10.47 -0.56
C LEU A 88 6.11 9.39 0.37
N HIS A 89 5.09 9.73 1.15
CA HIS A 89 4.38 8.71 1.92
C HIS A 89 3.93 7.57 1.02
N GLN A 90 3.94 6.34 1.56
CA GLN A 90 3.57 5.18 0.76
C GLN A 90 2.13 5.25 0.22
N ARG A 91 1.24 6.02 0.87
CA ARG A 91 -0.13 6.12 0.39
C ARG A 91 -0.19 6.67 -1.02
N MET A 92 0.83 7.41 -1.45
CA MET A 92 0.85 7.98 -2.79
C MET A 92 1.43 7.03 -3.83
N ASP A 93 2.01 5.92 -3.42
CA ASP A 93 2.69 5.02 -4.36
C ASP A 93 1.65 4.11 -5.01
N VAL A 94 1.38 4.37 -6.28
CA VAL A 94 0.58 3.49 -7.10
C VAL A 94 1.54 2.53 -7.81
N ASP A 95 1.28 1.23 -7.68
CA ASP A 95 2.19 0.22 -8.20
C ASP A 95 1.48 -0.75 -9.14
N SER B 3 13.68 -1.63 23.28
CA SER B 3 14.46 -2.40 24.24
C SER B 3 14.66 -3.87 23.80
N ARG B 4 13.90 -4.77 24.40
CA ARG B 4 14.02 -6.20 24.01
C ARG B 4 12.80 -6.56 23.15
N TYR B 5 13.00 -7.55 22.29
CA TYR B 5 11.94 -8.02 21.43
C TYR B 5 12.16 -9.51 21.18
N LEU B 6 11.09 -10.19 20.76
CA LEU B 6 11.18 -11.58 20.38
C LEU B 6 10.81 -11.72 18.91
N LEU B 7 11.48 -12.64 18.21
CA LEU B 7 11.14 -13.02 16.86
C LEU B 7 10.63 -14.46 16.83
N SER B 8 9.55 -14.71 16.07
CA SER B 8 9.06 -16.07 15.90
C SER B 8 10.07 -16.85 15.08
N PRO B 9 10.09 -18.19 15.22
CA PRO B 9 10.94 -18.98 14.31
C PRO B 9 10.69 -18.66 12.84
N ALA B 10 9.42 -18.50 12.45
CA ALA B 10 9.11 -18.09 11.09
C ALA B 10 9.84 -16.80 10.71
N ALA B 11 9.76 -15.79 11.57
CA ALA B 11 10.37 -14.48 11.26
C ALA B 11 11.88 -14.57 11.17
N GLN B 12 12.53 -15.31 12.08
CA GLN B 12 13.98 -15.47 12.00
C GLN B 12 14.38 -16.13 10.69
N ALA B 13 13.68 -17.21 10.32
CA ALA B 13 13.97 -17.88 9.05
C ALA B 13 13.81 -16.92 7.87
N HIS B 14 12.85 -15.99 7.94
CA HIS B 14 12.65 -15.09 6.81
C HIS B 14 13.76 -14.05 6.74
N LEU B 15 14.21 -13.55 7.91
CA LEU B 15 15.36 -12.67 7.91
C LEU B 15 16.53 -13.31 7.19
N GLU B 16 16.76 -14.59 7.46
CA GLU B 16 17.86 -15.30 6.82
C GLU B 16 17.64 -15.41 5.31
N GLU B 17 16.41 -15.69 4.88
CA GLU B 17 16.12 -15.76 3.45
C GLU B 17 16.30 -14.41 2.77
N ILE B 18 15.81 -13.34 3.40
CA ILE B 18 16.04 -11.99 2.85
C ILE B 18 17.53 -11.73 2.66
N TRP B 19 18.32 -11.92 3.73
CA TRP B 19 19.77 -11.76 3.60
C TRP B 19 20.32 -12.55 2.41
N ASP B 20 20.03 -13.86 2.36
CA ASP B 20 20.57 -14.69 1.29
C ASP B 20 20.12 -14.22 -0.08
N CYS B 21 18.85 -13.88 -0.22
CA CYS B 21 18.34 -13.38 -1.49
C CYS B 21 19.06 -12.10 -1.90
N THR B 22 19.25 -11.18 -0.94
CA THR B 22 19.91 -9.91 -1.24
C THR B 22 21.39 -10.13 -1.56
N TYR B 23 22.04 -11.05 -0.83
CA TYR B 23 23.44 -11.35 -1.11
C TYR B 23 23.62 -11.85 -2.54
N ASP B 24 22.76 -12.79 -2.97
CA ASP B 24 22.90 -13.39 -4.29
C ASP B 24 22.73 -12.34 -5.37
N ARG B 25 21.78 -11.43 -5.20
CA ARG B 25 21.52 -10.42 -6.20
C ARG B 25 22.51 -9.25 -6.10
N TRP B 26 22.88 -8.85 -4.89
CA TRP B 26 23.57 -7.56 -4.72
C TRP B 26 24.87 -7.61 -3.92
N GLY B 27 25.23 -8.73 -3.27
CA GLY B 27 26.48 -8.78 -2.52
C GLY B 27 26.27 -8.55 -1.03
N VAL B 28 27.38 -8.70 -0.30
CA VAL B 28 27.34 -8.85 1.15
C VAL B 28 26.99 -7.53 1.84
N ASP B 29 27.47 -6.39 1.33
CA ASP B 29 27.21 -5.13 2.01
C ASP B 29 25.76 -4.69 1.83
N GLN B 30 25.21 -4.85 0.63
CA GLN B 30 23.79 -4.62 0.43
C GLN B 30 22.96 -5.54 1.32
N ALA B 31 23.35 -6.82 1.40
CA ALA B 31 22.64 -7.75 2.28
C ALA B 31 22.63 -7.26 3.73
N GLU B 32 23.79 -6.81 4.21
CA GLU B 32 23.90 -6.42 5.61
C GLU B 32 23.14 -5.13 5.89
N GLN B 33 23.18 -4.17 4.97
CA GLN B 33 22.56 -2.89 5.24
C GLN B 33 21.03 -3.02 5.24
N TYR B 34 20.48 -3.81 4.33
CA TYR B 34 19.03 -4.01 4.34
C TYR B 34 18.57 -4.71 5.62
N LEU B 35 19.35 -5.65 6.14
CA LEU B 35 18.93 -6.27 7.39
C LEU B 35 19.03 -5.28 8.53
N ARG B 36 20.03 -4.39 8.49
CA ARG B 36 20.14 -3.32 9.48
C ARG B 36 18.96 -2.35 9.39
N GLU B 37 18.54 -2.01 8.16
CA GLU B 37 17.33 -1.21 7.99
C GLU B 37 16.14 -1.88 8.68
N LEU B 38 15.89 -3.16 8.40
CA LEU B 38 14.84 -3.90 9.11
C LEU B 38 15.06 -3.88 10.63
N GLN B 39 16.31 -3.96 11.08
CA GLN B 39 16.57 -3.91 12.53
C GLN B 39 16.18 -2.56 13.14
N HIS B 40 16.42 -1.45 12.43
CA HIS B 40 15.97 -0.14 12.91
C HIS B 40 14.46 -0.10 13.11
N ALA B 41 13.70 -0.66 12.17
CA ALA B 41 12.25 -0.69 12.34
C ALA B 41 11.85 -1.57 13.52
N ILE B 42 12.48 -2.73 13.67
CA ILE B 42 12.20 -3.58 14.84
C ILE B 42 12.53 -2.83 16.13
N ASP B 43 13.67 -2.14 16.16
CA ASP B 43 14.03 -1.38 17.35
C ASP B 43 13.03 -0.26 17.62
N ARG B 44 12.55 0.41 16.56
CA ARG B 44 11.55 1.46 16.71
C ARG B 44 10.31 0.93 17.43
N ALA B 45 9.75 -0.17 16.91
CA ALA B 45 8.57 -0.77 17.52
C ALA B 45 8.84 -1.24 18.95
N ALA B 46 10.01 -1.82 19.21
CA ALA B 46 10.27 -2.36 20.55
C ALA B 46 10.36 -1.25 21.60
N ALA B 47 10.76 -0.04 21.21
CA ALA B 47 10.83 1.06 22.17
C ALA B 47 9.44 1.63 22.46
N ASN B 48 8.61 1.77 21.43
CA ASN B 48 7.23 2.25 21.58
C ASN B 48 6.34 1.34 20.74
N PRO B 49 5.80 0.27 21.33
CA PRO B 49 4.94 -0.64 20.54
C PRO B 49 3.75 0.05 19.91
N ARG B 50 3.36 1.22 20.38
CA ARG B 50 2.20 1.90 19.82
C ARG B 50 2.52 2.71 18.56
N ILE B 51 3.77 2.74 18.08
CA ILE B 51 3.99 3.38 16.79
C ILE B 51 3.37 2.53 15.69
N GLY B 52 3.25 1.23 15.92
CA GLY B 52 2.58 0.38 14.97
C GLY B 52 1.07 0.58 15.04
N ARG B 53 0.46 0.52 13.87
CA ARG B 53 -1.00 0.69 13.84
C ARG B 53 -1.63 -0.60 14.35
N ALA B 54 -2.57 -0.50 15.29
CA ALA B 54 -3.36 -1.62 15.73
C ALA B 54 -4.13 -2.20 14.55
N CYS B 55 -4.22 -3.52 14.46
CA CYS B 55 -4.88 -4.16 13.32
C CYS B 55 -5.67 -5.37 13.79
N ASP B 56 -6.47 -5.16 14.85
CA ASP B 56 -7.29 -6.23 15.39
C ASP B 56 -8.23 -6.79 14.34
N GLU B 57 -8.65 -5.97 13.38
CA GLU B 57 -9.54 -6.46 12.33
C GLU B 57 -8.85 -7.51 11.45
N ILE B 58 -7.51 -7.50 11.39
CA ILE B 58 -6.80 -8.63 10.80
C ILE B 58 -6.76 -9.80 11.78
N ARG B 59 -6.29 -9.56 12.99
CA ARG B 59 -6.17 -10.61 13.98
C ARG B 59 -6.00 -9.94 15.35
N PRO B 60 -6.81 -10.34 16.32
CA PRO B 60 -6.81 -9.66 17.62
C PRO B 60 -5.42 -9.59 18.23
N GLY B 61 -5.07 -8.42 18.77
CA GLY B 61 -3.83 -8.24 19.48
C GLY B 61 -2.66 -7.80 18.63
N TYR B 62 -2.80 -7.78 17.32
CA TYR B 62 -1.67 -7.48 16.47
C TYR B 62 -1.58 -5.99 16.15
N ARG B 63 -0.35 -5.54 15.95
CA ARG B 63 -0.06 -4.25 15.35
C ARG B 63 0.83 -4.47 14.13
N LYS B 64 0.94 -3.45 13.30
CA LYS B 64 1.71 -3.58 12.08
C LYS B 64 2.52 -2.31 11.87
N LEU B 65 3.72 -2.45 11.28
CA LEU B 65 4.59 -1.33 11.07
C LEU B 65 5.31 -1.51 9.74
N SER B 66 5.14 -0.53 8.86
CA SER B 66 5.80 -0.58 7.56
C SER B 66 7.29 -0.45 7.75
N ALA B 67 8.02 -1.31 7.07
CA ALA B 67 9.46 -1.38 7.22
C ALA B 67 10.03 -1.46 5.80
N GLY B 68 9.80 -0.39 5.04
CA GLY B 68 10.21 -0.33 3.65
C GLY B 68 9.43 -1.35 2.86
N SER B 69 10.15 -2.24 2.18
CA SER B 69 9.43 -3.12 1.28
C SER B 69 8.84 -4.34 2.00
N HIS B 70 9.01 -4.43 3.33
CA HIS B 70 8.36 -5.42 4.17
C HIS B 70 7.50 -4.73 5.22
N THR B 71 6.69 -5.51 5.90
CA THR B 71 5.85 -5.05 7.00
C THR B 71 6.03 -5.98 8.18
N LEU B 72 6.20 -5.42 9.39
CA LEU B 72 6.26 -6.20 10.61
C LEU B 72 4.87 -6.33 11.21
N PHE B 73 4.48 -7.57 11.55
CA PHE B 73 3.24 -7.86 12.26
C PHE B 73 3.62 -8.44 13.61
N TYR B 74 3.12 -7.84 14.69
CA TYR B 74 3.64 -8.17 16.00
C TYR B 74 2.60 -7.97 17.08
N ARG B 75 2.73 -8.78 18.13
CA ARG B 75 1.97 -8.70 19.36
C ARG B 75 2.86 -8.14 20.47
N VAL B 76 2.23 -7.78 21.58
CA VAL B 76 2.94 -7.30 22.76
C VAL B 76 2.74 -8.32 23.87
N THR B 77 3.83 -8.92 24.35
CA THR B 77 3.76 -10.06 25.27
C THR B 77 3.37 -9.60 26.67
N GLY B 78 3.43 -10.54 27.61
CA GLY B 78 3.11 -10.31 29.00
C GLY B 78 3.94 -9.25 29.70
N GLU B 79 4.99 -8.73 29.08
CA GLU B 79 5.67 -7.53 29.56
C GLU B 79 5.44 -6.40 28.54
N GLY B 80 6.34 -5.42 28.51
CA GLY B 80 6.21 -4.37 27.51
C GLY B 80 6.81 -4.78 26.17
N THR B 81 7.00 -6.08 26.00
CA THR B 81 7.86 -6.64 24.96
C THR B 81 7.07 -6.96 23.69
N ILE B 82 7.64 -6.61 22.51
CA ILE B 82 6.99 -6.95 21.25
C ILE B 82 7.45 -8.34 20.80
N ASP B 83 6.53 -9.04 20.15
CA ASP B 83 6.74 -10.39 19.60
C ASP B 83 6.46 -10.29 18.10
N VAL B 84 7.51 -10.29 17.29
CA VAL B 84 7.37 -10.16 15.85
C VAL B 84 7.06 -11.54 15.27
N VAL B 85 5.80 -11.74 14.85
CA VAL B 85 5.34 -13.06 14.39
C VAL B 85 5.67 -13.27 12.90
N ARG B 86 5.54 -12.24 12.06
CA ARG B 86 5.89 -12.36 10.65
C ARG B 86 6.46 -11.04 10.17
N VAL B 87 7.34 -11.13 9.18
CA VAL B 87 7.84 -10.00 8.40
C VAL B 87 7.38 -10.28 6.98
N LEU B 88 6.31 -9.63 6.54
CA LEU B 88 5.73 -9.94 5.25
C LEU B 88 6.12 -8.90 4.20
N HIS B 89 6.30 -9.36 2.97
CA HIS B 89 6.47 -8.42 1.87
C HIS B 89 5.28 -7.48 1.78
N GLN B 90 5.56 -6.25 1.34
CA GLN B 90 4.55 -5.21 1.24
C GLN B 90 3.43 -5.57 0.28
N ARG B 91 3.69 -6.43 -0.72
CA ARG B 91 2.65 -6.87 -1.64
C ARG B 91 1.45 -7.49 -0.91
N MET B 92 1.62 -7.96 0.31
CA MET B 92 0.50 -8.51 1.07
C MET B 92 -0.15 -7.49 1.98
N ASP B 93 0.45 -6.32 2.15
CA ASP B 93 -0.09 -5.34 3.09
C ASP B 93 -1.35 -4.73 2.49
N VAL B 94 -2.43 -4.81 3.25
CA VAL B 94 -3.76 -4.36 2.78
C VAL B 94 -3.99 -2.86 2.96
N ASP B 95 -3.32 -2.25 3.95
CA ASP B 95 -3.48 -0.83 4.41
C ASP B 95 -4.81 -0.69 5.17
N LYS C 3 -33.30 -15.91 -3.00
CA LYS C 3 -33.13 -15.30 -4.34
C LYS C 3 -33.94 -14.01 -4.38
N ASN C 4 -33.24 -12.87 -4.40
CA ASN C 4 -33.75 -11.47 -4.37
C ASN C 4 -34.19 -11.09 -2.96
N THR C 5 -33.45 -10.17 -2.36
CA THR C 5 -33.70 -9.69 -1.01
C THR C 5 -33.66 -8.17 -1.00
N SER C 6 -34.56 -7.53 -0.27
CA SER C 6 -34.60 -6.08 -0.17
C SER C 6 -34.14 -5.62 1.20
N PHE C 7 -33.60 -4.40 1.25
CA PHE C 7 -32.98 -3.82 2.44
C PHE C 7 -33.32 -2.35 2.50
N VAL C 8 -33.25 -1.79 3.70
CA VAL C 8 -33.39 -0.35 3.90
C VAL C 8 -32.12 0.15 4.57
N LEU C 9 -31.64 1.30 4.12
CA LEU C 9 -30.41 1.91 4.60
C LEU C 9 -30.71 2.97 5.66
N ASP C 10 -29.75 3.14 6.58
CA ASP C 10 -29.91 4.24 7.51
C ASP C 10 -29.77 5.59 6.79
N GLU C 11 -29.98 6.64 7.55
CA GLU C 11 -30.11 7.98 6.99
C GLU C 11 -28.76 8.58 6.61
N HIS C 12 -27.64 8.08 7.17
CA HIS C 12 -26.34 8.59 6.75
C HIS C 12 -25.90 7.96 5.43
N TYR C 13 -26.06 6.64 5.31
CA TYR C 13 -25.61 5.97 4.10
C TYR C 13 -26.57 6.21 2.94
N SER C 14 -27.85 6.50 3.22
CA SER C 14 -28.73 6.97 2.16
C SER C 14 -28.30 8.33 1.64
N ALA C 15 -27.76 9.19 2.52
CA ALA C 15 -27.22 10.47 2.09
C ALA C 15 -25.91 10.29 1.33
N PHE C 16 -25.07 9.36 1.76
CA PHE C 16 -23.86 9.05 1.02
C PHE C 16 -24.20 8.60 -0.40
N ILE C 17 -25.16 7.68 -0.52
CA ILE C 17 -25.56 7.17 -1.84
C ILE C 17 -26.15 8.28 -2.68
N ASP C 18 -26.98 9.13 -2.09
CA ASP C 18 -27.51 10.29 -2.80
C ASP C 18 -26.39 11.16 -3.33
N GLY C 19 -25.32 11.34 -2.55
CA GLY C 19 -24.20 12.15 -3.01
C GLY C 19 -23.45 11.50 -4.15
N GLU C 20 -23.29 10.18 -4.10
CA GLU C 20 -22.62 9.46 -5.18
C GLU C 20 -23.43 9.49 -6.47
N ILE C 21 -24.75 9.46 -6.36
CA ILE C 21 -25.57 9.53 -7.56
C ILE C 21 -25.55 10.93 -8.13
N ALA C 22 -25.60 11.93 -7.25
CA ALA C 22 -25.52 13.33 -7.70
C ALA C 22 -24.19 13.61 -8.37
N ALA C 23 -23.10 13.09 -7.81
CA ALA C 23 -21.78 13.34 -8.37
C ALA C 23 -21.60 12.71 -9.75
N GLY C 24 -22.48 11.79 -10.14
CA GLY C 24 -22.49 11.26 -11.49
C GLY C 24 -21.81 9.92 -11.64
N ARG C 25 -21.12 9.42 -10.62
CA ARG C 25 -20.35 8.20 -10.78
C ARG C 25 -21.18 6.93 -10.59
N TYR C 26 -22.37 7.04 -10.03
CA TYR C 26 -23.24 5.89 -9.88
C TYR C 26 -24.66 6.27 -10.28
N ARG C 27 -25.42 5.29 -10.77
CA ARG C 27 -26.79 5.51 -11.23
C ARG C 27 -27.84 5.23 -10.16
N SER C 28 -27.61 4.25 -9.28
CA SER C 28 -28.65 3.76 -8.40
C SER C 28 -28.04 3.32 -7.07
N ALA C 29 -28.92 3.09 -6.09
CA ALA C 29 -28.46 2.62 -4.79
C ALA C 29 -27.88 1.22 -4.90
N SER C 30 -28.54 0.34 -5.67
CA SER C 30 -27.99 -1.00 -5.87
C SER C 30 -26.62 -0.95 -6.55
N GLU C 31 -26.38 0.02 -7.44
CA GLU C 31 -25.07 0.07 -8.07
C GLU C 31 -23.98 0.42 -7.07
N VAL C 32 -24.27 1.33 -6.14
CA VAL C 32 -23.29 1.67 -5.10
C VAL C 32 -23.07 0.47 -4.16
N ILE C 33 -24.16 -0.14 -3.69
CA ILE C 33 -24.03 -1.24 -2.72
C ILE C 33 -23.27 -2.40 -3.34
N ARG C 34 -23.65 -2.79 -4.56
CA ARG C 34 -22.99 -3.92 -5.21
C ARG C 34 -21.50 -3.65 -5.40
N SER C 35 -21.16 -2.44 -5.85
CA SER C 35 -19.75 -2.07 -5.95
C SER C 35 -19.06 -2.18 -4.60
N ALA C 36 -19.66 -1.63 -3.54
CA ALA C 36 -19.06 -1.69 -2.21
C ALA C 36 -18.85 -3.12 -1.74
N LEU C 37 -19.79 -4.02 -2.06
CA LEU C 37 -19.65 -5.41 -1.60
C LEU C 37 -18.57 -6.16 -2.38
N ARG C 38 -18.36 -5.82 -3.65
CA ARG C 38 -17.21 -6.37 -4.38
C ARG C 38 -15.88 -5.89 -3.79
N LEU C 39 -15.85 -4.65 -3.33
CA LEU C 39 -14.66 -4.09 -2.67
C LEU C 39 -14.41 -4.85 -1.37
N LEU C 40 -15.47 -5.12 -0.62
CA LEU C 40 -15.33 -5.81 0.65
C LEU C 40 -14.81 -7.22 0.44
N GLU C 41 -15.36 -7.94 -0.55
CA GLU C 41 -14.90 -9.29 -0.82
C GLU C 41 -13.45 -9.32 -1.26
N ASP C 42 -13.04 -8.33 -2.07
CA ASP C 42 -11.64 -8.23 -2.47
C ASP C 42 -10.74 -7.98 -1.27
N ARG C 43 -11.17 -7.08 -0.38
CA ARG C 43 -10.45 -6.87 0.87
C ARG C 43 -10.36 -8.16 1.68
N GLU C 44 -11.50 -8.82 1.89
CA GLU C 44 -11.54 -10.01 2.74
C GLU C 44 -10.61 -11.09 2.23
N THR C 45 -10.49 -11.22 0.91
CA THR C 45 -9.58 -12.22 0.37
C THR C 45 -8.12 -11.88 0.71
N GLN C 46 -7.76 -10.60 0.61
CA GLN C 46 -6.43 -10.18 1.05
C GLN C 46 -6.27 -10.35 2.55
N LEU C 47 -7.31 -10.03 3.33
CA LEU C 47 -7.23 -10.20 4.77
C LEU C 47 -7.08 -11.67 5.14
N ARG C 48 -7.80 -12.55 4.44
CA ARG C 48 -7.64 -13.98 4.65
C ARG C 48 -6.19 -14.40 4.44
N ALA C 49 -5.53 -13.88 3.41
CA ALA C 49 -4.14 -14.25 3.17
C ALA C 49 -3.24 -13.78 4.30
N LEU C 50 -3.51 -12.59 4.86
CA LEU C 50 -2.70 -12.10 5.96
C LEU C 50 -2.92 -12.91 7.23
N ARG C 51 -4.18 -13.27 7.50
CA ARG C 51 -4.50 -14.02 8.71
C ARG C 51 -3.83 -15.39 8.69
N GLU C 52 -3.95 -16.10 7.57
CA GLU C 52 -3.29 -17.39 7.47
C GLU C 52 -1.78 -17.25 7.68
N ALA C 53 -1.17 -16.19 7.15
CA ALA C 53 0.27 -15.97 7.33
C ALA C 53 0.63 -15.77 8.81
N LEU C 54 -0.18 -14.99 9.53
CA LEU C 54 0.12 -14.79 10.95
C LEU C 54 -0.05 -16.08 11.72
N GLU C 55 -1.12 -16.85 11.43
CA GLU C 55 -1.33 -18.14 12.06
C GLU C 55 -0.13 -19.06 11.85
N ALA C 56 0.33 -19.18 10.60
CA ALA C 56 1.54 -19.98 10.33
C ALA C 56 2.71 -19.46 11.14
N GLY C 57 2.78 -18.15 11.35
CA GLY C 57 3.83 -17.61 12.20
C GLY C 57 3.69 -18.02 13.65
N GLU C 58 2.47 -18.02 14.18
CA GLU C 58 2.27 -18.49 15.54
C GLU C 58 2.61 -19.96 15.69
N ARG C 59 2.09 -20.80 14.79
CA ARG C 59 2.38 -22.23 14.82
C ARG C 59 3.85 -22.55 14.62
N SER C 60 4.65 -21.56 14.19
CA SER C 60 6.09 -21.69 13.98
C SER C 60 6.83 -22.21 15.24
N GLY C 61 6.35 -21.86 16.42
CA GLY C 61 7.04 -22.13 17.67
C GLY C 61 7.17 -20.89 18.51
N SER C 62 7.61 -21.09 19.74
CA SER C 62 7.77 -19.96 20.66
C SER C 62 8.76 -18.95 20.08
N SER C 63 8.45 -17.68 20.29
CA SER C 63 9.33 -16.59 19.85
C SER C 63 10.51 -16.46 20.80
N THR C 64 11.70 -16.19 20.26
CA THR C 64 12.91 -16.08 21.07
C THR C 64 13.59 -14.74 20.82
N PRO C 65 14.52 -14.33 21.70
CA PRO C 65 15.36 -13.18 21.37
C PRO C 65 16.19 -13.47 20.14
N PHE C 66 16.69 -12.41 19.52
CA PHE C 66 17.42 -12.53 18.26
C PHE C 66 18.57 -11.53 18.28
N ASP C 67 19.76 -12.01 17.92
CA ASP C 67 21.02 -11.28 18.03
C ASP C 67 21.44 -10.86 16.63
N PHE C 68 21.09 -9.62 16.24
CA PHE C 68 21.39 -9.16 14.89
C PHE C 68 22.88 -9.13 14.61
N ASP C 69 23.68 -8.64 15.58
CA ASP C 69 25.13 -8.59 15.39
C ASP C 69 25.67 -9.98 15.10
N GLY C 70 25.33 -10.95 15.96
CA GLY C 70 25.79 -12.31 15.74
C GLY C 70 25.29 -12.88 14.44
N PHE C 71 24.00 -12.68 14.14
CA PHE C 71 23.44 -13.18 12.89
C PHE C 71 24.14 -12.57 11.69
N LEU C 72 24.29 -11.24 11.69
CA LEU C 72 24.97 -10.58 10.57
C LEU C 72 26.44 -10.98 10.51
N GLY C 73 27.10 -11.07 11.66
CA GLY C 73 28.48 -11.55 11.69
C GLY C 73 28.63 -12.93 11.08
N ARG C 74 27.80 -13.89 11.53
CA ARG C 74 27.87 -15.25 11.00
C ARG C 74 27.65 -15.29 9.51
N LYS C 75 26.64 -14.56 9.02
CA LYS C 75 26.31 -14.61 7.61
C LYS C 75 27.44 -14.02 6.76
N ARG C 76 28.01 -12.89 7.19
CA ARG C 76 29.16 -12.35 6.48
C ARG C 76 30.31 -13.35 6.47
N ALA C 77 30.63 -13.91 7.64
CA ALA C 77 31.71 -14.89 7.75
C ALA C 77 31.50 -16.06 6.77
N ASP C 78 30.29 -16.61 6.75
CA ASP C 78 29.99 -17.74 5.86
C ASP C 78 30.27 -17.40 4.41
N ALA C 79 29.82 -16.23 3.95
CA ALA C 79 30.08 -15.85 2.57
C ALA C 79 31.58 -15.73 2.30
N SER C 80 32.35 -15.33 3.31
CA SER C 80 33.81 -15.25 3.19
C SER C 80 34.49 -16.61 3.07
N ARG C 81 33.78 -17.71 3.33
CA ARG C 81 34.42 -19.02 3.31
C ARG C 81 34.64 -19.51 1.89
N LEU D 9 -16.38 -2.12 -28.45
CA LEU D 9 -15.36 -3.01 -27.93
C LEU D 9 -15.01 -4.13 -28.91
N ASP D 10 -14.03 -4.95 -28.51
CA ASP D 10 -13.50 -6.06 -29.29
C ASP D 10 -14.00 -7.40 -28.73
N GLU D 11 -13.65 -8.48 -29.42
CA GLU D 11 -14.27 -9.78 -29.14
C GLU D 11 -13.84 -10.37 -27.79
N HIS D 12 -12.56 -10.23 -27.44
CA HIS D 12 -12.09 -10.81 -26.18
C HIS D 12 -12.78 -10.16 -24.98
N TYR D 13 -12.96 -8.84 -25.01
CA TYR D 13 -13.57 -8.17 -23.87
C TYR D 13 -15.08 -8.31 -23.86
N SER D 14 -15.70 -8.61 -25.01
CA SER D 14 -17.11 -8.98 -24.98
C SER D 14 -17.32 -10.30 -24.27
N ALA D 15 -16.43 -11.27 -24.51
CA ALA D 15 -16.51 -12.55 -23.79
C ALA D 15 -16.16 -12.38 -22.32
N PHE D 16 -15.24 -11.46 -21.99
CA PHE D 16 -14.92 -11.19 -20.59
C PHE D 16 -16.13 -10.63 -19.86
N ILE D 17 -16.77 -9.61 -20.45
CA ILE D 17 -18.00 -9.05 -19.88
C ILE D 17 -19.06 -10.13 -19.71
N ASP D 18 -19.26 -10.96 -20.75
CA ASP D 18 -20.30 -11.98 -20.69
C ASP D 18 -19.98 -13.02 -19.62
N GLY D 19 -18.70 -13.39 -19.48
CA GLY D 19 -18.32 -14.30 -18.41
C GLY D 19 -18.60 -13.73 -17.04
N GLU D 20 -18.32 -12.45 -16.85
CA GLU D 20 -18.62 -11.79 -15.58
C GLU D 20 -20.10 -11.85 -15.26
N ILE D 21 -20.97 -11.62 -16.28
CA ILE D 21 -22.41 -11.68 -16.04
C ILE D 21 -22.85 -13.10 -15.73
N ALA D 22 -22.37 -14.06 -16.53
CA ALA D 22 -22.68 -15.47 -16.30
C ALA D 22 -22.25 -15.94 -14.91
N ALA D 23 -21.15 -15.39 -14.37
CA ALA D 23 -20.68 -15.80 -13.06
C ALA D 23 -21.41 -15.12 -11.91
N GLY D 24 -22.34 -14.22 -12.19
CA GLY D 24 -23.14 -13.60 -11.15
C GLY D 24 -22.51 -12.42 -10.45
N ARG D 25 -21.23 -12.13 -10.73
CA ARG D 25 -20.57 -10.99 -10.11
C ARG D 25 -21.13 -9.67 -10.62
N TYR D 26 -21.45 -9.59 -11.91
CA TYR D 26 -22.04 -8.39 -12.48
C TYR D 26 -23.36 -8.76 -13.14
N ARG D 27 -24.27 -7.78 -13.28
CA ARG D 27 -25.61 -8.06 -13.79
C ARG D 27 -25.87 -7.47 -15.17
N SER D 28 -24.96 -6.64 -15.68
CA SER D 28 -25.14 -6.04 -17.00
C SER D 28 -23.77 -5.68 -17.55
N ALA D 29 -23.73 -5.54 -18.87
CA ALA D 29 -22.56 -5.00 -19.54
C ALA D 29 -22.24 -3.61 -19.00
N SER D 30 -23.26 -2.79 -18.75
CA SER D 30 -23.03 -1.46 -18.21
C SER D 30 -22.34 -1.50 -16.85
N GLU D 31 -22.76 -2.44 -15.99
CA GLU D 31 -22.15 -2.52 -14.66
C GLU D 31 -20.65 -2.83 -14.75
N VAL D 32 -20.26 -3.74 -15.64
CA VAL D 32 -18.84 -4.05 -15.82
C VAL D 32 -18.10 -2.82 -16.37
N ILE D 33 -18.62 -2.23 -17.45
CA ILE D 33 -17.93 -1.11 -18.09
C ILE D 33 -17.82 0.07 -17.14
N ARG D 34 -18.91 0.40 -16.42
CA ARG D 34 -18.83 1.53 -15.49
C ARG D 34 -17.86 1.25 -14.34
N SER D 35 -17.85 0.02 -13.81
CA SER D 35 -16.91 -0.34 -12.74
C SER D 35 -15.47 -0.20 -13.22
N ALA D 36 -15.20 -0.70 -14.43
CA ALA D 36 -13.85 -0.64 -14.97
C ALA D 36 -13.42 0.80 -15.19
N LEU D 37 -14.31 1.63 -15.75
CA LEU D 37 -13.99 3.06 -15.96
C LEU D 37 -13.77 3.78 -14.64
N ARG D 38 -14.55 3.45 -13.59
CA ARG D 38 -14.26 4.02 -12.27
C ARG D 38 -12.88 3.62 -11.79
N LEU D 39 -12.53 2.34 -11.97
CA LEU D 39 -11.20 1.88 -11.58
C LEU D 39 -10.12 2.63 -12.35
N LEU D 40 -10.32 2.86 -13.65
CA LEU D 40 -9.32 3.55 -14.47
C LEU D 40 -9.20 5.01 -14.07
N GLU D 41 -10.34 5.69 -13.85
CA GLU D 41 -10.29 7.07 -13.38
C GLU D 41 -9.53 7.17 -12.07
N ASP D 42 -9.83 6.27 -11.13
CA ASP D 42 -9.13 6.28 -9.84
C ASP D 42 -7.62 6.12 -10.04
N ARG D 43 -7.21 5.13 -10.84
CA ARG D 43 -5.78 4.93 -11.05
C ARG D 43 -5.15 6.16 -11.69
N GLU D 44 -5.86 6.77 -12.64
CA GLU D 44 -5.36 7.95 -13.33
C GLU D 44 -5.21 9.13 -12.38
N THR D 45 -6.16 9.30 -11.46
CA THR D 45 -6.03 10.36 -10.46
C THR D 45 -4.79 10.15 -9.60
N GLN D 46 -4.56 8.92 -9.14
CA GLN D 46 -3.39 8.65 -8.31
C GLN D 46 -2.10 8.88 -9.08
N LEU D 47 -2.06 8.41 -10.33
CA LEU D 47 -0.86 8.60 -11.15
C LEU D 47 -0.60 10.07 -11.40
N ARG D 48 -1.65 10.85 -11.67
CA ARG D 48 -1.49 12.28 -11.90
C ARG D 48 -0.97 12.97 -10.65
N ALA D 49 -1.45 12.55 -9.46
CA ALA D 49 -0.95 13.14 -8.22
C ALA D 49 0.54 12.82 -8.04
N LEU D 50 0.94 11.60 -8.38
CA LEU D 50 2.33 11.20 -8.26
C LEU D 50 3.22 12.02 -9.19
N ARG D 51 2.83 12.11 -10.46
CA ARG D 51 3.66 12.78 -11.46
C ARG D 51 3.79 14.27 -11.17
N GLU D 52 2.71 14.89 -10.73
CA GLU D 52 2.78 16.30 -10.33
C GLU D 52 3.61 16.48 -9.07
N ALA D 53 3.58 15.49 -8.16
CA ALA D 53 4.48 15.54 -7.02
C ALA D 53 5.93 15.47 -7.46
N LEU D 54 6.23 14.61 -8.44
CA LEU D 54 7.62 14.53 -8.94
C LEU D 54 8.03 15.81 -9.66
N GLU D 55 7.11 16.38 -10.48
CA GLU D 55 7.38 17.65 -11.14
C GLU D 55 7.66 18.76 -10.14
N ALA D 56 6.84 18.86 -9.08
CA ALA D 56 7.12 19.84 -8.04
C ALA D 56 8.50 19.62 -7.41
N GLY D 57 8.96 18.38 -7.35
CA GLY D 57 10.28 18.12 -6.80
C GLY D 57 11.38 18.66 -7.70
N GLU D 58 11.28 18.39 -9.00
CA GLU D 58 12.24 18.94 -9.97
C GLU D 58 12.27 20.47 -9.92
N ARG D 59 11.11 21.11 -9.79
CA ARG D 59 10.97 22.56 -9.82
C ARG D 59 11.30 23.23 -8.49
N SER D 60 11.57 22.46 -7.45
CA SER D 60 11.89 23.07 -6.17
C SER D 60 13.32 23.60 -6.11
N GLY D 61 14.16 23.25 -7.08
CA GLY D 61 15.53 23.72 -7.14
C GLY D 61 16.50 22.58 -7.45
N SER D 62 17.73 22.98 -7.79
CA SER D 62 18.77 22.02 -8.08
C SER D 62 19.03 21.17 -6.84
N SER D 63 19.33 19.90 -7.06
CA SER D 63 19.56 18.97 -5.95
C SER D 63 20.98 19.16 -5.44
N THR D 64 21.17 18.91 -4.15
CA THR D 64 22.33 19.34 -3.36
C THR D 64 22.83 18.19 -2.51
N PRO D 65 24.14 18.10 -2.25
CA PRO D 65 24.62 17.11 -1.29
C PRO D 65 24.04 17.40 0.09
N PHE D 66 23.92 16.36 0.90
CA PHE D 66 23.23 16.47 2.17
C PHE D 66 24.14 15.88 3.23
N ASP D 67 24.28 16.57 4.37
CA ASP D 67 24.97 16.03 5.55
C ASP D 67 23.90 15.52 6.50
N PHE D 68 23.59 14.22 6.40
CA PHE D 68 22.54 13.66 7.24
C PHE D 68 22.89 13.75 8.72
N ASP D 69 24.19 13.56 9.06
CA ASP D 69 24.59 13.64 10.46
C ASP D 69 24.41 15.03 11.02
N GLY D 70 24.69 16.05 10.21
CA GLY D 70 24.52 17.41 10.68
C GLY D 70 23.06 17.80 10.78
N PHE D 71 22.25 17.40 9.79
CA PHE D 71 20.80 17.61 9.90
C PHE D 71 20.27 17.00 11.19
N LEU D 72 20.60 15.74 11.46
CA LEU D 72 20.09 15.13 12.68
C LEU D 72 20.68 15.78 13.92
N GLY D 73 21.97 16.09 13.90
CA GLY D 73 22.58 16.69 15.08
C GLY D 73 21.94 18.02 15.43
N ARG D 74 21.61 18.82 14.40
CA ARG D 74 21.06 20.15 14.65
C ARG D 74 19.62 20.05 15.11
N LYS D 75 18.83 19.18 14.48
CA LYS D 75 17.46 18.98 14.95
C LYS D 75 17.44 18.60 16.42
N ARG D 76 18.30 17.66 16.81
CA ARG D 76 18.38 17.23 18.20
C ARG D 76 18.80 18.38 19.11
N ALA D 77 19.81 19.17 18.70
CA ALA D 77 20.25 20.30 19.53
C ALA D 77 19.17 21.38 19.61
N ASP D 78 18.52 21.69 18.49
CA ASP D 78 17.41 22.64 18.49
C ASP D 78 16.34 22.27 19.51
N ALA D 79 15.97 20.99 19.57
CA ALA D 79 14.90 20.55 20.46
C ALA D 79 15.35 20.47 21.91
N SER D 80 16.67 20.36 22.17
CA SER D 80 17.13 20.24 23.55
C SER D 80 17.26 21.60 24.24
N ARG D 81 17.54 22.67 23.49
CA ARG D 81 17.41 24.00 24.06
C ARG D 81 15.96 24.29 24.45
N THR E 5 -33.65 5.19 1.90
CA THR E 5 -33.25 4.52 0.65
C THR E 5 -33.30 2.99 0.77
N SER E 6 -34.03 2.34 -0.13
CA SER E 6 -34.09 0.89 -0.18
C SER E 6 -33.51 0.37 -1.48
N PHE E 7 -33.15 -0.91 -1.50
CA PHE E 7 -32.50 -1.53 -2.65
C PHE E 7 -32.66 -3.04 -2.55
N VAL E 8 -32.39 -3.71 -3.67
CA VAL E 8 -32.54 -5.16 -3.84
C VAL E 8 -31.18 -5.77 -4.19
N LEU E 9 -30.87 -6.90 -3.57
CA LEU E 9 -29.67 -7.68 -3.85
C LEU E 9 -30.09 -9.01 -4.45
N ASP E 10 -29.44 -9.40 -5.55
CA ASP E 10 -29.86 -10.65 -6.18
C ASP E 10 -29.31 -11.82 -5.37
N GLU E 11 -29.52 -13.02 -5.90
CA GLU E 11 -29.13 -14.25 -5.20
C GLU E 11 -27.61 -14.31 -4.98
N HIS E 12 -26.81 -13.72 -5.88
CA HIS E 12 -25.37 -13.86 -5.75
C HIS E 12 -24.80 -12.98 -4.64
N TYR E 13 -25.29 -11.76 -4.50
CA TYR E 13 -24.79 -10.90 -3.44
C TYR E 13 -25.38 -11.28 -2.09
N SER E 14 -26.63 -11.75 -2.08
CA SER E 14 -27.20 -12.30 -0.85
C SER E 14 -26.35 -13.44 -0.33
N ALA E 15 -25.97 -14.37 -1.23
CA ALA E 15 -25.14 -15.49 -0.83
C ALA E 15 -23.78 -15.05 -0.31
N PHE E 16 -23.23 -13.95 -0.85
CA PHE E 16 -21.98 -13.45 -0.31
C PHE E 16 -22.16 -13.00 1.14
N ILE E 17 -23.21 -12.21 1.40
CA ILE E 17 -23.50 -11.77 2.75
C ILE E 17 -23.70 -12.97 3.69
N ASP E 18 -24.45 -13.98 3.24
CA ASP E 18 -24.72 -15.13 4.10
C ASP E 18 -23.45 -15.90 4.44
N GLY E 19 -22.59 -16.13 3.45
CA GLY E 19 -21.31 -16.77 3.73
C GLY E 19 -20.44 -15.96 4.66
N GLU E 20 -20.53 -14.63 4.57
CA GLU E 20 -19.81 -13.75 5.47
C GLU E 20 -20.32 -13.89 6.90
N ILE E 21 -21.63 -14.00 7.08
CA ILE E 21 -22.20 -14.20 8.41
C ILE E 21 -21.88 -15.60 8.92
N ALA E 22 -22.08 -16.62 8.07
CA ALA E 22 -21.82 -18.00 8.45
C ALA E 22 -20.36 -18.21 8.83
N ALA E 23 -19.46 -17.33 8.39
CA ALA E 23 -18.06 -17.43 8.75
C ALA E 23 -17.73 -16.72 10.07
N GLY E 24 -18.70 -16.08 10.70
CA GLY E 24 -18.46 -15.44 11.97
C GLY E 24 -17.77 -14.11 11.88
N ARG E 25 -17.57 -13.58 10.67
CA ARG E 25 -16.96 -12.26 10.52
C ARG E 25 -17.94 -11.13 10.82
N TYR E 26 -19.24 -11.38 10.66
CA TYR E 26 -20.26 -10.37 10.95
C TYR E 26 -21.46 -11.05 11.58
N ARG E 27 -22.27 -10.27 12.28
CA ARG E 27 -23.45 -10.79 12.96
C ARG E 27 -24.74 -10.69 12.15
N SER E 28 -24.79 -9.84 11.13
CA SER E 28 -26.04 -9.62 10.44
C SER E 28 -25.77 -9.07 9.04
N ALA E 29 -26.77 -9.19 8.16
CA ALA E 29 -26.65 -8.66 6.81
C ALA E 29 -26.37 -7.17 6.83
N SER E 30 -27.05 -6.44 7.71
CA SER E 30 -26.86 -4.99 7.76
C SER E 30 -25.43 -4.65 8.11
N GLU E 31 -24.80 -5.49 8.94
CA GLU E 31 -23.41 -5.24 9.31
C GLU E 31 -22.47 -5.45 8.14
N VAL E 32 -22.70 -6.50 7.34
CA VAL E 32 -21.88 -6.67 6.13
C VAL E 32 -22.04 -5.46 5.23
N ILE E 33 -23.27 -4.97 5.07
CA ILE E 33 -23.54 -3.88 4.13
C ILE E 33 -22.93 -2.58 4.63
N ARG E 34 -23.17 -2.23 5.90
CA ARG E 34 -22.53 -1.04 6.48
C ARG E 34 -21.00 -1.12 6.37
N SER E 35 -20.44 -2.29 6.61
CA SER E 35 -18.98 -2.40 6.53
C SER E 35 -18.50 -2.21 5.10
N ALA E 36 -19.27 -2.70 4.12
CA ALA E 36 -18.96 -2.47 2.71
C ALA E 36 -19.02 -0.98 2.38
N LEU E 37 -20.08 -0.31 2.81
CA LEU E 37 -20.26 1.10 2.49
C LEU E 37 -19.20 1.95 3.18
N ARG E 38 -18.80 1.59 4.40
CA ARG E 38 -17.72 2.27 5.08
C ARG E 38 -16.44 2.25 4.26
N LEU E 39 -16.09 1.07 3.74
CA LEU E 39 -14.91 0.94 2.90
C LEU E 39 -15.01 1.84 1.66
N LEU E 40 -16.17 1.83 1.00
CA LEU E 40 -16.34 2.62 -0.21
C LEU E 40 -16.36 4.11 0.09
N GLU E 41 -17.09 4.51 1.14
CA GLU E 41 -17.12 5.93 1.53
C GLU E 41 -15.72 6.45 1.81
N ASP E 42 -14.90 5.66 2.51
CA ASP E 42 -13.51 6.07 2.77
C ASP E 42 -12.73 6.18 1.47
N ARG E 43 -12.92 5.23 0.55
CA ARG E 43 -12.21 5.26 -0.72
C ARG E 43 -12.62 6.49 -1.53
N GLU E 44 -13.94 6.68 -1.71
CA GLU E 44 -14.43 7.73 -2.61
C GLU E 44 -14.13 9.12 -2.07
N THR E 45 -14.06 9.27 -0.75
CA THR E 45 -13.80 10.59 -0.20
C THR E 45 -12.32 10.95 -0.32
N GLN E 46 -11.42 10.00 -0.02
CA GLN E 46 -10.00 10.23 -0.27
C GLN E 46 -9.75 10.62 -1.72
N LEU E 47 -10.27 9.83 -2.67
CA LEU E 47 -10.07 10.15 -4.08
C LEU E 47 -10.70 11.48 -4.46
N ARG E 48 -11.82 11.84 -3.82
CA ARG E 48 -12.42 13.13 -4.11
C ARG E 48 -11.58 14.27 -3.55
N ALA E 49 -10.91 14.07 -2.43
CA ALA E 49 -9.96 15.06 -1.95
C ALA E 49 -8.75 15.17 -2.87
N LEU E 50 -8.27 14.03 -3.36
CA LEU E 50 -7.17 14.05 -4.33
C LEU E 50 -7.59 14.80 -5.58
N ARG E 51 -8.75 14.47 -6.14
CA ARG E 51 -9.27 15.21 -7.29
C ARG E 51 -9.42 16.69 -6.95
N GLU E 52 -9.81 17.01 -5.72
CA GLU E 52 -9.96 18.40 -5.32
C GLU E 52 -8.60 19.10 -5.25
N ALA E 53 -7.66 18.55 -4.47
CA ALA E 53 -6.33 19.15 -4.38
C ALA E 53 -5.63 19.22 -5.73
N LEU E 54 -6.04 18.39 -6.69
CA LEU E 54 -5.37 18.36 -8.00
C LEU E 54 -5.71 19.59 -8.82
N GLU E 55 -6.97 19.72 -9.25
CA GLU E 55 -7.34 20.82 -10.14
C GLU E 55 -7.47 22.14 -9.40
N LEU F 9 -23.80 5.18 -22.15
CA LEU F 9 -23.05 6.44 -22.11
C LEU F 9 -23.72 7.46 -21.20
N ASP F 10 -22.99 7.83 -20.16
CA ASP F 10 -23.44 8.73 -19.10
C ASP F 10 -22.59 9.99 -19.15
N GLU F 11 -23.10 11.08 -18.60
CA GLU F 11 -22.41 12.36 -18.76
C GLU F 11 -21.10 12.39 -17.97
N HIS F 12 -21.05 11.75 -16.80
CA HIS F 12 -19.80 11.74 -16.07
C HIS F 12 -18.75 10.90 -16.79
N TYR F 13 -19.16 9.80 -17.38
CA TYR F 13 -18.20 8.89 -17.99
C TYR F 13 -17.78 9.36 -19.38
N SER F 14 -18.71 9.87 -20.18
CA SER F 14 -18.32 10.51 -21.44
C SER F 14 -17.34 11.65 -21.19
N ALA F 15 -17.58 12.47 -20.15
CA ALA F 15 -16.66 13.57 -19.85
C ALA F 15 -15.29 13.06 -19.43
N PHE F 16 -15.24 11.98 -18.66
CA PHE F 16 -13.95 11.44 -18.27
C PHE F 16 -13.21 10.87 -19.47
N ILE F 17 -13.95 10.27 -20.39
CA ILE F 17 -13.35 9.71 -21.60
C ILE F 17 -12.85 10.83 -22.49
N ASP F 18 -13.69 11.84 -22.73
CA ASP F 18 -13.25 13.01 -23.50
C ASP F 18 -12.01 13.63 -22.89
N GLY F 19 -11.97 13.76 -21.56
CA GLY F 19 -10.82 14.35 -20.90
C GLY F 19 -9.57 13.52 -21.02
N GLU F 20 -9.73 12.19 -21.07
CA GLU F 20 -8.57 11.31 -21.22
C GLU F 20 -8.00 11.38 -22.63
N ILE F 21 -8.88 11.50 -23.63
CA ILE F 21 -8.41 11.63 -25.00
C ILE F 21 -7.70 12.96 -25.20
N ALA F 22 -8.29 14.05 -24.69
CA ALA F 22 -7.69 15.37 -24.78
C ALA F 22 -6.29 15.43 -24.18
N ALA F 23 -6.03 14.64 -23.14
CA ALA F 23 -4.70 14.61 -22.55
C ALA F 23 -3.72 13.78 -23.37
N GLY F 24 -4.15 13.20 -24.49
CA GLY F 24 -3.25 12.37 -25.26
C GLY F 24 -2.84 11.07 -24.60
N ARG F 25 -3.59 10.60 -23.61
CA ARG F 25 -3.34 9.26 -23.06
C ARG F 25 -3.98 8.19 -23.91
N TYR F 26 -5.04 8.53 -24.63
CA TYR F 26 -5.75 7.59 -25.49
C TYR F 26 -6.26 8.32 -26.73
N ARG F 27 -6.53 7.55 -27.79
CA ARG F 27 -6.88 8.12 -29.07
C ARG F 27 -8.35 7.94 -29.44
N SER F 28 -9.10 7.12 -28.71
CA SER F 28 -10.50 6.89 -29.04
C SER F 28 -11.24 6.42 -27.80
N ALA F 29 -12.57 6.61 -27.82
CA ALA F 29 -13.41 6.11 -26.73
C ALA F 29 -13.20 4.62 -26.53
N SER F 30 -13.20 3.84 -27.62
CA SER F 30 -12.99 2.40 -27.52
C SER F 30 -11.66 2.08 -26.83
N GLU F 31 -10.62 2.85 -27.11
CA GLU F 31 -9.34 2.61 -26.48
C GLU F 31 -9.43 2.79 -24.96
N VAL F 32 -10.08 3.86 -24.51
CA VAL F 32 -10.25 4.10 -23.07
C VAL F 32 -10.96 2.91 -22.43
N ILE F 33 -12.06 2.49 -23.05
CA ILE F 33 -12.88 1.41 -22.48
C ILE F 33 -12.09 0.09 -22.46
N ARG F 34 -11.39 -0.20 -23.56
CA ARG F 34 -10.52 -1.39 -23.62
C ARG F 34 -9.47 -1.34 -22.52
N SER F 35 -8.87 -0.16 -22.32
CA SER F 35 -7.90 0.06 -21.26
C SER F 35 -8.52 -0.12 -19.88
N ALA F 36 -9.73 0.40 -19.69
CA ALA F 36 -10.42 0.20 -18.41
C ALA F 36 -10.77 -1.27 -18.17
N LEU F 37 -11.23 -1.96 -19.22
CA LEU F 37 -11.55 -3.37 -19.10
C LEU F 37 -10.31 -4.21 -18.83
N ARG F 38 -9.17 -3.84 -19.42
CA ARG F 38 -7.92 -4.57 -19.15
C ARG F 38 -7.53 -4.46 -17.68
N LEU F 39 -7.63 -3.26 -17.12
CA LEU F 39 -7.38 -3.09 -15.68
C LEU F 39 -8.33 -3.95 -14.85
N LEU F 40 -9.63 -3.93 -15.16
CA LEU F 40 -10.56 -4.74 -14.35
C LEU F 40 -10.28 -6.23 -14.52
N GLU F 41 -10.04 -6.68 -15.76
CA GLU F 41 -9.76 -8.09 -15.97
C GLU F 41 -8.53 -8.53 -15.18
N ASP F 42 -7.46 -7.73 -15.20
CA ASP F 42 -6.25 -8.11 -14.49
C ASP F 42 -6.50 -8.17 -12.98
N ARG F 43 -7.14 -7.14 -12.43
CA ARG F 43 -7.50 -7.12 -11.02
C ARG F 43 -8.29 -8.35 -10.62
N GLU F 44 -9.37 -8.65 -11.36
CA GLU F 44 -10.20 -9.79 -11.02
C GLU F 44 -9.42 -11.10 -11.16
N THR F 45 -8.52 -11.17 -12.14
CA THR F 45 -7.71 -12.38 -12.29
C THR F 45 -6.75 -12.57 -11.11
N GLN F 46 -6.08 -11.50 -10.68
CA GLN F 46 -5.20 -11.59 -9.52
C GLN F 46 -5.97 -12.05 -8.29
N LEU F 47 -7.17 -11.51 -8.09
CA LEU F 47 -7.92 -11.82 -6.88
C LEU F 47 -8.47 -13.23 -6.92
N ARG F 48 -8.97 -13.67 -8.09
CA ARG F 48 -9.37 -15.07 -8.23
C ARG F 48 -8.18 -16.00 -8.01
N ALA F 49 -7.00 -15.62 -8.48
CA ALA F 49 -5.82 -16.46 -8.30
C ALA F 49 -5.42 -16.54 -6.83
N LEU F 50 -5.53 -15.42 -6.11
CA LEU F 50 -5.27 -15.46 -4.68
C LEU F 50 -6.35 -16.25 -3.95
N ARG F 51 -7.61 -16.10 -4.38
CA ARG F 51 -8.71 -16.79 -3.73
C ARG F 51 -8.58 -18.29 -3.89
N GLU F 52 -8.35 -18.74 -5.13
CA GLU F 52 -8.21 -20.16 -5.36
C GLU F 52 -6.97 -20.72 -4.69
N ALA F 53 -5.88 -19.95 -4.64
CA ALA F 53 -4.68 -20.40 -3.92
C ALA F 53 -4.98 -20.67 -2.46
N LEU F 54 -5.74 -19.79 -1.81
CA LEU F 54 -6.13 -20.01 -0.42
C LEU F 54 -7.05 -21.21 -0.27
N GLU F 55 -7.96 -21.43 -1.22
CA GLU F 55 -8.82 -22.62 -1.17
C GLU F 55 -8.01 -23.90 -1.32
N ALA F 56 -6.82 -23.82 -1.92
CA ALA F 56 -5.92 -24.96 -2.00
C ALA F 56 -5.10 -25.13 -0.73
#